data_6HU8
#
_entry.id   6HU8
#
_cell.length_a   110.070
_cell.length_b   38.290
_cell.length_c   87.620
_cell.angle_alpha   90.000
_cell.angle_beta   113.200
_cell.angle_gamma   90.000
#
_symmetry.space_group_name_H-M   'C 1 2 1'
#
loop_
_entity.id
_entity.type
_entity.pdbx_description
1 polymer 'Transcriptional regulator ComR'
2 water water
#
_entity_poly.entity_id   1
_entity_poly.type   'polypeptide(L)'
_entity_poly.pdbx_seq_one_letter_code
;MSIKDSIGLRIKTERECQQMSREVLCLDGAELTVRQLIRIEKGESLPSLDKLSYIAKRLGKSMADLLDHDRIEIPDTYYE
MKNRLIKFPTYGDKERVKQKLDLIEDVYNQFFDILPEEELLTLDILENILSFTSWEERPKVEEIYEDLFEQVKRKKKFST
NDLLVIDYYFYHLYGRKQYDKKIFDRIVDRVLKQNIPTDDAYNIALFNDLMAIAGLKISLESFKDFLTVIDKLLAVIEKS
QFHSYKPGVYILEAKYELIHNGNKKKATENYDKAIMFASVLEDSVLEEKTRAEKAADGLGAGWSHPQFEK
;
_entity_poly.pdbx_strand_id   A
#
# COMPACT_ATOMS: atom_id res chain seq x y z
N SER A 2 28.11 -7.47 9.81
CA SER A 2 26.83 -7.05 10.36
C SER A 2 25.95 -8.26 10.65
N ILE A 3 24.84 -8.02 11.34
CA ILE A 3 23.82 -9.03 11.59
C ILE A 3 23.30 -9.60 10.24
N LYS A 4 23.09 -8.72 9.26
CA LYS A 4 22.65 -9.15 7.94
C LYS A 4 23.68 -10.12 7.28
N ASP A 5 24.97 -9.77 7.36
CA ASP A 5 26.04 -10.62 6.83
C ASP A 5 26.04 -11.98 7.49
N SER A 6 25.94 -12.02 8.82
CA SER A 6 26.10 -13.29 9.54
C SER A 6 24.90 -14.18 9.31
N ILE A 7 23.70 -13.63 9.42
CA ILE A 7 22.49 -14.38 9.13
C ILE A 7 22.48 -14.88 7.67
N GLY A 8 22.71 -13.98 6.71
CA GLY A 8 22.82 -14.40 5.32
C GLY A 8 23.80 -15.56 5.08
N LEU A 9 24.96 -15.50 5.70
CA LEU A 9 25.96 -16.56 5.50
C LEU A 9 25.52 -17.88 6.17
N ARG A 10 24.82 -17.81 7.29
CA ARG A 10 24.32 -19.03 7.93
C ARG A 10 23.29 -19.72 7.05
N ILE A 11 22.40 -18.92 6.48
CA ILE A 11 21.41 -19.44 5.57
C ILE A 11 22.06 -20.06 4.34
N LYS A 12 22.99 -19.31 3.76
CA LYS A 12 23.69 -19.77 2.57
C LYS A 12 24.50 -21.03 2.83
N THR A 13 25.18 -21.08 3.98
CA THR A 13 26.02 -22.24 4.28
C THR A 13 25.16 -23.49 4.45
N GLU A 14 24.01 -23.36 5.09
CA GLU A 14 23.16 -24.52 5.31
C GLU A 14 22.48 -25.00 4.02
N ARG A 15 22.03 -24.04 3.20
CA ARG A 15 21.47 -24.38 1.90
C ARG A 15 22.47 -25.19 1.07
N GLU A 16 23.71 -24.70 1.01
CA GLU A 16 24.76 -25.36 0.23
C GLU A 16 25.11 -26.71 0.83
N CYS A 17 25.19 -26.75 2.15
CA CYS A 17 25.41 -27.99 2.88
C CYS A 17 24.41 -29.06 2.43
N GLN A 18 23.17 -28.66 2.17
CA GLN A 18 22.14 -29.60 1.72
C GLN A 18 22.12 -29.75 0.19
N GLN A 19 23.10 -29.16 -0.48
CA GLN A 19 23.21 -29.19 -1.95
C GLN A 19 21.90 -28.77 -2.59
N MET A 20 21.34 -27.68 -2.06
CA MET A 20 20.05 -27.17 -2.48
C MET A 20 20.25 -25.89 -3.27
N SER A 21 19.75 -25.85 -4.51
CA SER A 21 19.86 -24.65 -5.32
C SER A 21 18.88 -23.60 -4.80
N ARG A 22 19.09 -22.34 -5.16
CA ARG A 22 18.15 -21.29 -4.75
C ARG A 22 16.77 -21.53 -5.30
N GLU A 23 16.68 -21.95 -6.57
CA GLU A 23 15.36 -22.18 -7.16
C GLU A 23 14.61 -23.28 -6.39
N VAL A 24 15.34 -24.32 -5.98
CA VAL A 24 14.72 -25.40 -5.22
C VAL A 24 14.19 -24.88 -3.87
N LEU A 25 15.02 -24.13 -3.16
CA LEU A 25 14.58 -23.58 -1.88
C LEU A 25 13.31 -22.72 -2.07
N CYS A 26 13.32 -21.87 -3.11
CA CYS A 26 12.25 -20.89 -3.25
C CYS A 26 10.94 -21.46 -3.82
N LEU A 27 10.99 -22.69 -4.33
CA LEU A 27 9.80 -23.34 -4.92
C LEU A 27 9.10 -22.41 -5.89
N ASP A 28 7.79 -22.15 -5.69
CA ASP A 28 7.03 -21.37 -6.67
C ASP A 28 7.16 -19.86 -6.47
N GLY A 29 8.04 -19.44 -5.55
CA GLY A 29 8.25 -18.02 -5.29
C GLY A 29 7.17 -17.28 -4.50
N ALA A 30 6.11 -17.96 -4.10
CA ALA A 30 5.02 -17.26 -3.43
C ALA A 30 5.44 -16.71 -2.06
N GLU A 31 6.43 -17.32 -1.42
CA GLU A 31 6.81 -16.90 -0.07
C GLU A 31 8.19 -16.27 -0.05
N LEU A 32 9.04 -16.75 -0.95
CA LEU A 32 10.40 -16.22 -1.10
C LEU A 32 10.82 -16.33 -2.56
N THR A 33 11.34 -15.25 -3.13
CA THR A 33 11.81 -15.31 -4.51
C THR A 33 13.31 -15.49 -4.54
N VAL A 34 13.84 -15.88 -5.69
CA VAL A 34 15.26 -16.07 -5.81
C VAL A 34 16.02 -14.78 -5.50
N ARG A 35 15.53 -13.64 -5.99
CA ARG A 35 16.29 -12.41 -5.80
C ARG A 35 16.20 -11.94 -4.34
N GLN A 36 15.06 -12.18 -3.71
CA GLN A 36 14.91 -11.95 -2.26
C GLN A 36 15.92 -12.78 -1.48
N LEU A 37 16.03 -14.07 -1.80
CA LEU A 37 17.02 -14.95 -1.15
C LEU A 37 18.45 -14.45 -1.39
N ILE A 38 18.80 -14.15 -2.65
CA ILE A 38 20.14 -13.63 -2.92
C ILE A 38 20.53 -12.38 -2.10
N ARG A 39 19.61 -11.43 -1.92
CA ARG A 39 19.90 -10.22 -1.17
C ARG A 39 20.15 -10.55 0.30
N ILE A 40 19.42 -11.56 0.80
CA ILE A 40 19.62 -12.01 2.18
C ILE A 40 21.00 -12.66 2.32
N GLU A 41 21.31 -13.62 1.44
CA GLU A 41 22.58 -14.34 1.52
C GLU A 41 23.78 -13.42 1.31
N LYS A 42 23.59 -12.30 0.61
CA LYS A 42 24.70 -11.38 0.36
C LYS A 42 24.82 -10.33 1.47
N GLY A 43 23.94 -10.37 2.45
CA GLY A 43 23.96 -9.40 3.54
C GLY A 43 23.27 -8.08 3.19
N GLU A 44 22.63 -8.01 2.03
CA GLU A 44 21.97 -6.76 1.60
C GLU A 44 20.66 -6.49 2.31
N SER A 45 19.93 -7.53 2.67
CA SER A 45 18.74 -7.26 3.47
C SER A 45 18.55 -8.30 4.54
N LEU A 46 17.75 -7.92 5.53
CA LEU A 46 17.46 -8.74 6.67
C LEU A 46 16.20 -9.54 6.37
N PRO A 47 16.18 -10.83 6.73
CA PRO A 47 14.91 -11.53 6.55
C PRO A 47 13.85 -11.09 7.55
N SER A 48 12.61 -10.93 7.05
CA SER A 48 11.46 -10.72 7.91
C SER A 48 11.16 -12.06 8.56
N LEU A 49 10.29 -12.04 9.56
CA LEU A 49 9.90 -13.24 10.26
C LEU A 49 9.23 -14.23 9.31
N ASP A 50 8.36 -13.71 8.44
CA ASP A 50 7.68 -14.55 7.46
C ASP A 50 8.67 -15.24 6.54
N LYS A 51 9.62 -14.49 5.99
CA LYS A 51 10.56 -15.08 5.08
C LYS A 51 11.56 -16.01 5.81
N LEU A 52 12.01 -15.63 7.00
CA LEU A 52 12.91 -16.52 7.74
C LEU A 52 12.18 -17.81 8.15
N SER A 53 10.92 -17.69 8.54
CA SER A 53 10.09 -18.85 8.89
C SER A 53 9.99 -19.84 7.71
N TYR A 54 9.86 -19.30 6.50
CA TYR A 54 9.76 -20.15 5.31
C TYR A 54 11.10 -20.84 5.06
N ILE A 55 12.18 -20.06 5.12
CA ILE A 55 13.52 -20.56 4.84
C ILE A 55 13.87 -21.67 5.81
N ALA A 56 13.53 -21.47 7.08
CA ALA A 56 13.83 -22.48 8.08
C ALA A 56 13.00 -23.75 7.83
N LYS A 57 11.75 -23.60 7.43
CA LYS A 57 10.95 -24.77 7.09
C LYS A 57 11.58 -25.55 5.92
N ARG A 58 12.06 -24.84 4.90
CA ARG A 58 12.62 -25.51 3.71
C ARG A 58 13.91 -26.24 4.04
N LEU A 59 14.66 -25.73 5.02
CA LEU A 59 15.93 -26.35 5.43
C LEU A 59 15.80 -27.33 6.59
N GLY A 60 14.59 -27.50 7.10
CA GLY A 60 14.34 -28.47 8.17
C GLY A 60 14.97 -28.04 9.49
N LYS A 61 15.10 -26.73 9.67
CA LYS A 61 15.72 -26.13 10.87
C LYS A 61 14.70 -25.34 11.67
N SER A 62 15.03 -25.00 12.90
CA SER A 62 14.22 -24.00 13.60
C SER A 62 14.85 -22.65 13.35
N MET A 63 14.08 -21.58 13.48
CA MET A 63 14.59 -20.26 13.15
C MET A 63 15.71 -19.87 14.07
N ALA A 64 15.59 -20.23 15.35
CA ALA A 64 16.67 -20.06 16.30
C ALA A 64 18.00 -20.65 15.78
N ASP A 65 17.93 -21.79 15.10
CA ASP A 65 19.13 -22.43 14.52
C ASP A 65 19.83 -21.49 13.55
N LEU A 66 19.06 -20.90 12.64
CA LEU A 66 19.64 -20.08 11.59
C LEU A 66 20.17 -18.77 12.14
N LEU A 67 19.65 -18.36 13.29
CA LEU A 67 20.04 -17.07 13.84
C LEU A 67 21.28 -17.16 14.72
N ASP A 68 21.54 -18.35 15.28
CA ASP A 68 22.51 -18.49 16.38
C ASP A 68 22.14 -17.47 17.47
N HIS A 69 22.97 -16.46 17.69
CA HIS A 69 22.62 -15.45 18.69
C HIS A 69 22.02 -14.18 18.08
N ASP A 70 22.10 -14.07 16.75
CA ASP A 70 21.55 -12.90 16.04
C ASP A 70 20.05 -12.83 16.17
N ARG A 71 19.48 -11.64 16.02
CA ARG A 71 18.03 -11.46 16.09
C ARG A 71 17.48 -10.71 14.89
N ILE A 72 16.19 -10.88 14.62
CA ILE A 72 15.49 -10.13 13.57
C ILE A 72 14.28 -9.40 14.11
N GLU A 73 14.13 -9.36 15.43
CA GLU A 73 12.93 -8.75 15.99
C GLU A 73 12.99 -7.22 16.00
N ILE A 74 11.81 -6.63 15.88
CA ILE A 74 11.64 -5.21 15.69
C ILE A 74 11.02 -4.63 16.95
N PRO A 75 11.59 -3.54 17.47
CA PRO A 75 11.08 -2.94 18.71
C PRO A 75 9.62 -2.44 18.60
N ASP A 76 8.88 -2.51 19.70
CA ASP A 76 7.51 -2.00 19.75
C ASP A 76 7.44 -0.54 19.29
N THR A 77 8.48 0.22 19.60
CA THR A 77 8.55 1.64 19.26
C THR A 77 8.46 1.90 17.74
N TYR A 78 9.06 1.01 16.96
CA TYR A 78 8.97 1.13 15.50
C TYR A 78 7.52 1.03 15.06
N TYR A 79 6.85 -0.01 15.52
CA TYR A 79 5.47 -0.24 15.13
C TYR A 79 4.58 0.92 15.56
N GLU A 80 4.87 1.54 16.70
CA GLU A 80 4.07 2.67 17.16
C GLU A 80 4.22 3.85 16.21
N MET A 81 5.45 4.11 15.80
CA MET A 81 5.72 5.23 14.89
C MET A 81 5.21 4.96 13.48
N LYS A 82 5.32 3.71 13.04
CA LYS A 82 4.73 3.30 11.76
C LYS A 82 3.22 3.48 11.80
N ASN A 83 2.62 3.04 12.90
CA ASN A 83 1.17 3.20 13.07
C ASN A 83 0.76 4.67 13.02
N ARG A 84 1.46 5.52 13.77
CA ARG A 84 1.15 6.96 13.75
C ARG A 84 1.32 7.56 12.36
N LEU A 85 2.41 7.19 11.69
CA LEU A 85 2.71 7.62 10.32
C LEU A 85 1.61 7.29 9.31
N ILE A 86 1.17 6.04 9.28
CA ILE A 86 0.19 5.57 8.31
C ILE A 86 -1.19 6.18 8.55
N LYS A 87 -1.48 6.46 9.82
CA LYS A 87 -2.76 7.04 10.26
C LYS A 87 -2.87 8.53 9.94
N PHE A 88 -1.73 9.16 9.68
CA PHE A 88 -1.62 10.60 9.43
C PHE A 88 -2.15 10.99 8.04
N PRO A 89 -3.30 11.71 7.97
CA PRO A 89 -3.79 12.14 6.65
C PRO A 89 -3.18 13.47 6.21
N THR A 90 -3.14 13.71 4.91
CA THR A 90 -2.59 14.98 4.42
C THR A 90 -3.64 15.79 3.67
N TYR A 91 -4.60 15.09 3.06
CA TYR A 91 -5.66 15.72 2.25
C TYR A 91 -5.11 16.48 1.05
N GLY A 92 -3.82 16.29 0.75
CA GLY A 92 -3.18 17.03 -0.31
C GLY A 92 -2.56 18.33 0.20
N ASP A 93 -2.86 18.69 1.45
CA ASP A 93 -2.27 19.87 2.04
C ASP A 93 -0.76 19.71 2.14
N LYS A 94 -0.03 20.66 1.55
CA LYS A 94 1.40 20.50 1.40
C LYS A 94 2.21 20.73 2.69
N GLU A 95 1.60 21.33 3.70
CA GLU A 95 2.26 21.44 5.00
C GLU A 95 2.15 20.13 5.78
N ARG A 96 1.04 19.43 5.58
CA ARG A 96 0.85 18.11 6.16
C ARG A 96 1.74 17.08 5.43
N VAL A 97 1.81 17.20 4.12
CA VAL A 97 2.66 16.34 3.32
C VAL A 97 4.10 16.42 3.81
N LYS A 98 4.57 17.63 4.09
CA LYS A 98 5.91 17.80 4.64
C LYS A 98 6.05 17.13 6.01
N GLN A 99 5.01 17.29 6.83
CA GLN A 99 5.00 16.68 8.16
C GLN A 99 5.17 15.17 8.07
N LYS A 100 4.43 14.58 7.13
CA LYS A 100 4.44 13.13 6.94
C LYS A 100 5.77 12.64 6.41
N LEU A 101 6.35 13.38 5.46
CA LEU A 101 7.67 13.02 4.93
C LEU A 101 8.72 13.11 6.04
N ASP A 102 8.57 14.08 6.94
CA ASP A 102 9.50 14.19 8.07
C ASP A 102 9.36 13.00 9.01
N LEU A 103 8.13 12.49 9.15
CA LEU A 103 7.92 11.34 10.03
C LEU A 103 8.60 10.11 9.45
N ILE A 104 8.45 9.93 8.15
CA ILE A 104 9.07 8.83 7.43
C ILE A 104 10.57 8.88 7.58
N GLU A 105 11.14 10.05 7.34
CA GLU A 105 12.58 10.24 7.48
C GLU A 105 13.06 9.87 8.87
N ASP A 106 12.27 10.28 9.86
CA ASP A 106 12.57 10.05 11.25
C ASP A 106 12.61 8.55 11.57
N VAL A 107 11.54 7.86 11.21
CA VAL A 107 11.44 6.42 11.42
C VAL A 107 12.56 5.67 10.72
N TYR A 108 12.85 6.04 9.48
CA TYR A 108 13.93 5.40 8.74
C TYR A 108 15.25 5.59 9.48
N ASN A 109 15.56 6.82 9.86
CA ASN A 109 16.80 7.11 10.57
C ASN A 109 16.96 6.33 11.88
N GLN A 110 15.84 6.12 12.56
CA GLN A 110 15.86 5.47 13.87
C GLN A 110 15.93 3.94 13.79
N PHE A 111 15.53 3.36 12.67
CA PHE A 111 15.35 1.90 12.62
C PHE A 111 15.85 1.19 11.38
N PHE A 112 16.35 1.92 10.38
CA PHE A 112 16.66 1.32 9.09
C PHE A 112 17.55 0.08 9.18
N ASP A 113 18.35 -0.01 10.24
CA ASP A 113 19.35 -1.08 10.32
C ASP A 113 18.81 -2.35 10.96
N ILE A 114 17.58 -2.33 11.46
CA ILE A 114 17.02 -3.57 12.00
C ILE A 114 15.72 -3.95 11.29
N LEU A 115 15.44 -3.31 10.15
CA LEU A 115 14.21 -3.55 9.41
C LEU A 115 14.42 -4.51 8.24
N PRO A 116 13.46 -5.44 8.04
CA PRO A 116 13.52 -6.30 6.85
C PRO A 116 13.12 -5.53 5.59
N GLU A 117 13.32 -6.18 4.45
CA GLU A 117 13.09 -5.57 3.15
C GLU A 117 11.69 -5.02 2.99
N GLU A 118 10.69 -5.75 3.46
CA GLU A 118 9.30 -5.34 3.25
C GLU A 118 8.92 -4.09 4.02
N GLU A 119 9.47 -3.94 5.22
CA GLU A 119 9.22 -2.73 6.00
C GLU A 119 9.91 -1.54 5.33
N LEU A 120 11.14 -1.76 4.88
CA LEU A 120 11.91 -0.71 4.24
C LEU A 120 11.22 -0.26 2.97
N LEU A 121 10.67 -1.20 2.21
CA LEU A 121 9.92 -0.84 0.99
C LEU A 121 8.69 -0.01 1.32
N THR A 122 8.01 -0.35 2.42
CA THR A 122 6.85 0.41 2.85
C THR A 122 7.22 1.88 3.02
N LEU A 123 8.39 2.14 3.58
CA LEU A 123 8.84 3.51 3.80
C LEU A 123 9.12 4.19 2.46
N ASP A 124 9.81 3.48 1.56
CA ASP A 124 10.09 3.99 0.23
C ASP A 124 8.80 4.33 -0.54
N ILE A 125 7.79 3.46 -0.46
CA ILE A 125 6.54 3.66 -1.18
C ILE A 125 5.81 4.91 -0.72
N LEU A 126 5.60 5.03 0.58
CA LEU A 126 4.99 6.23 1.15
C LEU A 126 5.73 7.49 0.71
N GLU A 127 7.05 7.42 0.75
CA GLU A 127 7.88 8.57 0.42
C GLU A 127 7.78 8.91 -1.06
N ASN A 128 7.86 7.90 -1.92
CA ASN A 128 7.79 8.12 -3.37
C ASN A 128 6.44 8.72 -3.79
N ILE A 129 5.34 8.11 -3.39
CA ILE A 129 4.01 8.62 -3.70
C ILE A 129 3.81 10.04 -3.13
N LEU A 130 4.05 10.21 -1.84
CA LEU A 130 3.87 11.52 -1.19
C LEU A 130 4.69 12.64 -1.83
N SER A 131 5.81 12.29 -2.44
CA SER A 131 6.69 13.29 -3.04
C SER A 131 6.58 13.33 -4.56
N PHE A 132 5.76 12.45 -5.13
CA PHE A 132 5.57 12.36 -6.58
C PHE A 132 6.85 11.96 -7.32
N THR A 133 7.72 11.21 -6.64
CA THR A 133 8.91 10.67 -7.27
C THR A 133 8.52 9.62 -8.31
N SER A 134 9.12 9.71 -9.49
CA SER A 134 8.87 8.73 -10.53
C SER A 134 9.36 7.35 -10.11
N TRP A 135 8.53 6.34 -10.33
CA TRP A 135 8.91 5.00 -9.93
C TRP A 135 10.11 4.48 -10.75
N GLU A 136 10.29 5.02 -11.96
CA GLU A 136 11.44 4.67 -12.80
C GLU A 136 12.75 5.23 -12.25
N GLU A 137 12.66 6.33 -11.51
CA GLU A 137 13.84 6.97 -10.93
C GLU A 137 14.49 6.11 -9.87
N ARG A 138 13.77 5.09 -9.41
CA ARG A 138 14.22 4.26 -8.29
C ARG A 138 14.25 2.76 -8.60
N PRO A 139 15.14 2.34 -9.52
CA PRO A 139 15.26 0.94 -9.97
C PRO A 139 15.49 -0.05 -8.84
N LYS A 140 16.23 0.34 -7.81
CA LYS A 140 16.52 -0.57 -6.72
C LYS A 140 15.25 -0.83 -5.92
N VAL A 141 14.43 0.21 -5.77
CA VAL A 141 13.13 0.07 -5.15
C VAL A 141 12.22 -0.75 -6.06
N GLU A 142 12.30 -0.48 -7.35
CA GLU A 142 11.43 -1.17 -8.32
C GLU A 142 11.65 -2.68 -8.32
N GLU A 143 12.91 -3.09 -8.21
CA GLU A 143 13.31 -4.50 -8.20
C GLU A 143 12.70 -5.23 -6.98
N ILE A 144 12.73 -4.56 -5.84
CA ILE A 144 12.15 -5.09 -4.61
C ILE A 144 10.62 -5.10 -4.70
N TYR A 145 10.03 -3.99 -5.14
CA TYR A 145 8.60 -3.92 -5.29
C TYR A 145 8.12 -5.03 -6.21
N GLU A 146 8.90 -5.31 -7.26
CA GLU A 146 8.46 -6.26 -8.27
C GLU A 146 8.16 -7.64 -7.67
N ASP A 147 9.07 -8.15 -6.85
CA ASP A 147 8.85 -9.49 -6.33
C ASP A 147 7.79 -9.51 -5.22
N LEU A 148 7.77 -8.49 -4.37
CA LEU A 148 6.71 -8.41 -3.35
C LEU A 148 5.32 -8.28 -4.00
N PHE A 149 5.21 -7.54 -5.12
CA PHE A 149 3.93 -7.45 -5.81
C PHE A 149 3.53 -8.79 -6.44
N GLU A 150 4.48 -9.52 -7.03
CA GLU A 150 4.19 -10.88 -7.53
C GLU A 150 3.61 -11.74 -6.43
N GLN A 151 4.12 -11.57 -5.20
CA GLN A 151 3.65 -12.38 -4.10
C GLN A 151 2.26 -11.92 -3.67
N VAL A 152 1.98 -10.62 -3.79
CA VAL A 152 0.67 -10.11 -3.38
C VAL A 152 -0.42 -10.65 -4.33
N LYS A 153 -0.07 -10.80 -5.60
CA LYS A 153 -0.99 -11.33 -6.61
C LYS A 153 -1.60 -12.68 -6.21
N ARG A 154 -0.88 -13.45 -5.40
CA ARG A 154 -1.32 -14.80 -5.05
C ARG A 154 -2.08 -14.86 -3.73
N LYS A 155 -2.18 -13.71 -3.04
CA LYS A 155 -2.76 -13.70 -1.70
C LYS A 155 -4.26 -13.44 -1.76
N LYS A 156 -4.99 -13.96 -0.77
CA LYS A 156 -6.42 -13.72 -0.64
C LYS A 156 -6.68 -12.69 0.46
N LYS A 157 -5.80 -12.68 1.46
CA LYS A 157 -5.93 -11.75 2.58
C LYS A 157 -4.71 -10.82 2.59
N PHE A 158 -4.98 -9.51 2.55
CA PHE A 158 -3.92 -8.49 2.46
C PHE A 158 -3.60 -7.90 3.82
N SER A 159 -2.31 -7.73 4.11
CA SER A 159 -1.85 -7.00 5.28
C SER A 159 -1.74 -5.52 4.94
N THR A 160 -1.39 -4.72 5.95
CA THR A 160 -1.18 -3.30 5.71
C THR A 160 -0.02 -3.11 4.72
N ASN A 161 1.09 -3.82 4.92
CA ASN A 161 2.19 -3.73 3.95
C ASN A 161 1.73 -4.14 2.55
N ASP A 162 0.93 -5.21 2.47
CA ASP A 162 0.39 -5.64 1.17
C ASP A 162 -0.41 -4.52 0.50
N LEU A 163 -1.27 -3.86 1.30
CA LEU A 163 -2.10 -2.77 0.81
C LEU A 163 -1.25 -1.62 0.29
N LEU A 164 -0.09 -1.41 0.91
CA LEU A 164 0.78 -0.33 0.47
C LEU A 164 1.52 -0.71 -0.83
N VAL A 165 1.93 -1.97 -0.96
CA VAL A 165 2.48 -2.42 -2.22
C VAL A 165 1.44 -2.21 -3.33
N ILE A 166 0.20 -2.55 -3.00
CA ILE A 166 -0.90 -2.40 -3.95
C ILE A 166 -1.12 -0.91 -4.27
N ASP A 167 -0.88 -0.05 -3.30
CA ASP A 167 -0.91 1.39 -3.57
C ASP A 167 0.16 1.76 -4.62
N TYR A 168 1.38 1.24 -4.46
CA TYR A 168 2.48 1.53 -5.39
C TYR A 168 2.15 1.01 -6.80
N TYR A 169 1.47 -0.13 -6.85
CA TYR A 169 1.01 -0.67 -8.12
C TYR A 169 0.07 0.31 -8.82
N PHE A 170 -0.98 0.76 -8.11
CA PHE A 170 -1.91 1.74 -8.69
C PHE A 170 -1.17 3.01 -9.13
N TYR A 171 -0.18 3.40 -8.34
CA TYR A 171 0.70 4.52 -8.68
C TYR A 171 1.40 4.34 -10.02
N HIS A 172 1.69 3.10 -10.41
CA HIS A 172 2.26 2.81 -11.74
C HIS A 172 1.25 3.10 -12.86
N LEU A 173 -0.03 2.91 -12.55
CA LEU A 173 -1.07 3.00 -13.56
C LEU A 173 -1.54 4.43 -13.78
N TYR A 174 -1.14 5.33 -12.89
CA TYR A 174 -1.60 6.71 -12.96
C TYR A 174 -1.25 7.37 -14.30
N GLY A 175 -2.26 7.95 -14.94
CA GLY A 175 -2.05 8.64 -16.20
C GLY A 175 -1.97 7.73 -17.42
N ARG A 176 -1.86 6.43 -17.20
CA ARG A 176 -1.75 5.50 -18.32
C ARG A 176 -3.12 5.26 -18.95
N LYS A 177 -3.14 4.76 -20.19
CA LYS A 177 -4.42 4.41 -20.78
C LYS A 177 -4.44 2.93 -21.21
N GLN A 178 -3.29 2.31 -21.41
CA GLN A 178 -3.29 0.85 -21.50
C GLN A 178 -2.60 0.20 -20.31
N TYR A 179 -3.09 -0.98 -19.94
CA TYR A 179 -2.71 -1.64 -18.71
C TYR A 179 -3.07 -3.11 -18.79
N ASP A 180 -2.38 -3.92 -18.00
CA ASP A 180 -2.68 -5.35 -17.91
C ASP A 180 -4.03 -5.49 -17.23
N LYS A 181 -5.07 -5.74 -18.02
CA LYS A 181 -6.44 -5.71 -17.52
C LYS A 181 -6.70 -6.87 -16.57
N LYS A 182 -6.04 -8.00 -16.81
CA LYS A 182 -6.22 -9.19 -15.98
C LYS A 182 -5.71 -8.95 -14.56
N ILE A 183 -4.53 -8.35 -14.47
CA ILE A 183 -3.93 -8.05 -13.18
C ILE A 183 -4.80 -7.05 -12.41
N PHE A 184 -5.16 -5.96 -13.08
CA PHE A 184 -5.97 -4.92 -12.44
C PHE A 184 -7.26 -5.49 -11.86
N ASP A 185 -8.01 -6.23 -12.67
CA ASP A 185 -9.28 -6.78 -12.21
C ASP A 185 -9.07 -7.76 -11.06
N ARG A 186 -8.00 -8.55 -11.10
CA ARG A 186 -7.73 -9.48 -10.01
C ARG A 186 -7.46 -8.73 -8.72
N ILE A 187 -6.64 -7.68 -8.81
CA ILE A 187 -6.29 -6.92 -7.62
C ILE A 187 -7.52 -6.20 -7.05
N VAL A 188 -8.25 -5.49 -7.93
CA VAL A 188 -9.46 -4.78 -7.51
C VAL A 188 -10.43 -5.73 -6.83
N ASP A 189 -10.65 -6.89 -7.45
CA ASP A 189 -11.60 -7.85 -6.92
C ASP A 189 -11.21 -8.33 -5.51
N ARG A 190 -9.91 -8.52 -5.31
CA ARG A 190 -9.45 -9.01 -4.02
C ARG A 190 -9.46 -7.89 -2.98
N VAL A 191 -9.16 -6.68 -3.42
CA VAL A 191 -9.25 -5.51 -2.52
C VAL A 191 -10.68 -5.35 -2.02
N LEU A 192 -11.64 -5.49 -2.93
CA LEU A 192 -13.06 -5.35 -2.61
C LEU A 192 -13.57 -6.40 -1.63
N LYS A 193 -12.89 -7.53 -1.50
CA LYS A 193 -13.33 -8.60 -0.61
C LYS A 193 -12.65 -8.60 0.76
N GLN A 194 -11.77 -7.64 1.01
CA GLN A 194 -11.06 -7.60 2.29
C GLN A 194 -12.02 -7.30 3.42
N ASN A 195 -11.87 -8.05 4.52
CA ASN A 195 -12.61 -7.73 5.72
C ASN A 195 -12.24 -6.32 6.16
N ILE A 196 -13.18 -5.63 6.80
CA ILE A 196 -12.91 -4.31 7.34
C ILE A 196 -12.81 -4.44 8.87
N PRO A 197 -11.59 -4.31 9.42
CA PRO A 197 -11.32 -4.53 10.85
C PRO A 197 -11.42 -3.25 11.68
N THR A 198 -11.28 -3.40 12.99
CA THR A 198 -11.10 -2.27 13.90
C THR A 198 -9.60 -1.98 13.98
N ASP A 199 -9.15 -1.11 13.08
CA ASP A 199 -7.73 -0.81 12.89
C ASP A 199 -7.66 0.31 11.88
N ASP A 200 -7.51 1.52 12.40
CA ASP A 200 -7.52 2.73 11.57
C ASP A 200 -6.36 2.75 10.57
N ALA A 201 -5.16 2.35 11.01
CA ALA A 201 -4.01 2.31 10.11
C ALA A 201 -4.31 1.45 8.90
N TYR A 202 -4.88 0.26 9.14
CA TYR A 202 -5.21 -0.66 8.07
C TYR A 202 -6.30 -0.07 7.19
N ASN A 203 -7.31 0.50 7.82
CA ASN A 203 -8.44 1.05 7.09
C ASN A 203 -8.03 2.28 6.28
N ILE A 204 -7.05 3.04 6.76
CA ILE A 204 -6.58 4.18 5.97
C ILE A 204 -5.86 3.69 4.71
N ALA A 205 -5.02 2.66 4.84
CA ALA A 205 -4.35 2.12 3.67
C ALA A 205 -5.36 1.52 2.72
N LEU A 206 -6.34 0.82 3.27
CA LEU A 206 -7.38 0.22 2.43
C LEU A 206 -8.24 1.30 1.76
N PHE A 207 -8.56 2.35 2.52
CA PHE A 207 -9.35 3.44 1.98
C PHE A 207 -8.61 4.10 0.81
N ASN A 208 -7.31 4.34 0.97
CA ASN A 208 -6.53 4.99 -0.07
C ASN A 208 -6.37 4.12 -1.32
N ASP A 209 -6.29 2.81 -1.14
CA ASP A 209 -6.30 1.91 -2.28
C ASP A 209 -7.65 1.94 -3.00
N LEU A 210 -8.72 1.96 -2.23
CA LEU A 210 -10.05 2.06 -2.83
C LEU A 210 -10.21 3.39 -3.58
N MET A 211 -9.69 4.48 -3.01
CA MET A 211 -9.76 5.75 -3.72
C MET A 211 -9.03 5.66 -5.05
N ALA A 212 -7.86 5.01 -5.05
CA ALA A 212 -7.05 4.84 -6.25
C ALA A 212 -7.79 4.05 -7.34
N ILE A 213 -8.45 2.98 -6.93
CA ILE A 213 -9.28 2.17 -7.82
C ILE A 213 -10.37 3.00 -8.48
N ALA A 214 -11.04 3.84 -7.69
CA ALA A 214 -12.18 4.61 -8.21
C ALA A 214 -11.70 5.65 -9.21
N GLY A 215 -10.61 6.34 -8.88
CA GLY A 215 -10.03 7.27 -9.85
C GLY A 215 -9.57 6.56 -11.12
N LEU A 216 -9.00 5.37 -10.97
CA LEU A 216 -8.52 4.62 -12.13
C LEU A 216 -9.64 4.04 -12.97
N LYS A 217 -10.66 3.50 -12.31
CA LYS A 217 -11.84 3.01 -13.03
C LYS A 217 -12.45 4.11 -13.92
N ILE A 218 -12.36 5.36 -13.48
CA ILE A 218 -12.83 6.47 -14.31
C ILE A 218 -11.86 6.73 -15.46
N SER A 219 -10.57 6.76 -15.16
CA SER A 219 -9.58 7.17 -16.15
C SER A 219 -9.18 6.04 -17.11
N LEU A 220 -9.41 4.80 -16.70
CA LEU A 220 -9.15 3.65 -17.56
C LEU A 220 -10.43 3.16 -18.21
N GLU A 221 -11.54 3.85 -17.91
CA GLU A 221 -12.87 3.47 -18.35
C GLU A 221 -13.16 1.99 -18.05
N SER A 222 -12.98 1.64 -16.79
CA SER A 222 -13.31 0.31 -16.29
C SER A 222 -14.48 0.45 -15.33
N PHE A 223 -15.66 0.74 -15.86
CA PHE A 223 -16.76 1.20 -15.00
C PHE A 223 -17.51 0.07 -14.29
N LYS A 224 -17.21 -1.18 -14.64
CA LYS A 224 -17.85 -2.31 -13.97
C LYS A 224 -17.53 -2.28 -12.48
N ASP A 225 -18.55 -2.51 -11.65
CA ASP A 225 -18.43 -2.52 -10.19
C ASP A 225 -18.04 -1.16 -9.57
N PHE A 226 -18.19 -0.06 -10.32
CA PHE A 226 -17.75 1.24 -9.78
C PHE A 226 -18.50 1.59 -8.49
N LEU A 227 -19.81 1.36 -8.46
CA LEU A 227 -20.59 1.70 -7.27
C LEU A 227 -20.29 0.72 -6.14
N THR A 228 -19.77 -0.45 -6.49
CA THR A 228 -19.34 -1.39 -5.46
C THR A 228 -18.10 -0.85 -4.76
N VAL A 229 -17.24 -0.17 -5.53
CA VAL A 229 -16.10 0.51 -4.94
C VAL A 229 -16.55 1.67 -4.06
N ILE A 230 -17.53 2.45 -4.53
CA ILE A 230 -18.06 3.53 -3.70
C ILE A 230 -18.60 2.98 -2.39
N ASP A 231 -19.32 1.87 -2.49
CA ASP A 231 -19.95 1.24 -1.32
C ASP A 231 -18.90 0.80 -0.28
N LYS A 232 -17.78 0.28 -0.77
CA LYS A 232 -16.73 -0.18 0.13
C LYS A 232 -16.10 1.02 0.81
N LEU A 233 -15.84 2.07 0.04
CA LEU A 233 -15.28 3.30 0.59
C LEU A 233 -16.14 3.85 1.74
N LEU A 234 -17.45 3.87 1.55
CA LEU A 234 -18.37 4.35 2.56
C LEU A 234 -18.39 3.39 3.76
N ALA A 235 -18.29 2.09 3.48
CA ALA A 235 -18.22 1.10 4.57
C ALA A 235 -16.98 1.27 5.43
N VAL A 236 -15.84 1.59 4.82
CA VAL A 236 -14.62 1.82 5.61
C VAL A 236 -14.76 3.09 6.46
N ILE A 237 -15.28 4.16 5.84
CA ILE A 237 -15.52 5.41 6.57
C ILE A 237 -16.44 5.16 7.76
N GLU A 238 -17.48 4.36 7.55
CA GLU A 238 -18.41 4.01 8.62
C GLU A 238 -17.73 3.28 9.78
N LYS A 239 -16.84 2.34 9.44
CA LYS A 239 -16.20 1.51 10.45
C LYS A 239 -15.29 2.34 11.34
N SER A 240 -14.54 3.24 10.74
CA SER A 240 -13.55 4.00 11.48
C SER A 240 -13.95 5.44 11.73
N GLN A 241 -15.18 5.79 11.35
CA GLN A 241 -15.70 7.14 11.54
C GLN A 241 -14.82 8.22 10.89
N PHE A 242 -14.32 7.96 9.68
CA PHE A 242 -13.53 8.95 8.95
C PHE A 242 -14.39 10.04 8.30
N HIS A 243 -14.92 10.98 9.07
CA HIS A 243 -15.82 11.99 8.53
C HIS A 243 -15.18 12.89 7.46
N SER A 244 -13.90 13.20 7.65
CA SER A 244 -13.20 14.04 6.69
C SER A 244 -13.03 13.40 5.31
N TYR A 245 -13.24 12.09 5.19
CA TYR A 245 -12.97 11.39 3.93
C TYR A 245 -14.20 11.28 3.04
N LYS A 246 -15.37 11.62 3.58
CA LYS A 246 -16.62 11.50 2.83
C LYS A 246 -16.71 12.40 1.60
N PRO A 247 -16.26 13.67 1.71
CA PRO A 247 -16.45 14.49 0.50
C PRO A 247 -15.73 13.93 -0.74
N GLY A 248 -14.51 13.41 -0.59
CA GLY A 248 -13.79 12.84 -1.71
C GLY A 248 -14.51 11.67 -2.35
N VAL A 249 -15.27 10.94 -1.55
CA VAL A 249 -16.01 9.78 -2.05
C VAL A 249 -17.21 10.21 -2.88
N TYR A 250 -17.99 11.15 -2.36
CA TYR A 250 -19.15 11.64 -3.10
C TYR A 250 -18.77 12.45 -4.35
N ILE A 251 -17.58 13.05 -4.34
CA ILE A 251 -17.10 13.74 -5.54
C ILE A 251 -16.87 12.73 -6.67
N LEU A 252 -16.21 11.61 -6.36
CA LEU A 252 -16.00 10.54 -7.34
C LEU A 252 -17.32 9.95 -7.84
N GLU A 253 -18.29 9.73 -6.95
CA GLU A 253 -19.59 9.23 -7.39
C GLU A 253 -20.28 10.24 -8.32
N ALA A 254 -20.09 11.53 -8.05
CA ALA A 254 -20.61 12.57 -8.91
C ALA A 254 -19.98 12.53 -10.31
N LYS A 255 -18.67 12.36 -10.36
CA LYS A 255 -17.93 12.33 -11.63
C LYS A 255 -18.34 11.11 -12.46
N TYR A 256 -18.57 10.00 -11.78
CA TYR A 256 -19.10 8.78 -12.41
C TYR A 256 -20.49 9.03 -13.06
N GLU A 257 -21.41 9.60 -12.29
CA GLU A 257 -22.75 9.90 -12.80
C GLU A 257 -22.69 10.87 -13.99
N LEU A 258 -21.87 11.90 -13.88
CA LEU A 258 -21.62 12.84 -14.97
C LEU A 258 -21.06 12.16 -16.22
N ILE A 259 -19.88 11.54 -16.07
CA ILE A 259 -19.14 11.04 -17.21
C ILE A 259 -19.75 9.78 -17.78
N HIS A 260 -20.11 8.85 -16.91
CA HIS A 260 -20.59 7.57 -17.42
C HIS A 260 -22.10 7.57 -17.73
N ASN A 261 -22.92 8.20 -16.90
CA ASN A 261 -24.35 8.14 -17.16
C ASN A 261 -24.91 9.41 -17.76
N GLY A 262 -24.09 10.45 -17.88
CA GLY A 262 -24.57 11.73 -18.36
C GLY A 262 -25.70 12.27 -17.52
N ASN A 263 -25.71 11.91 -16.23
CA ASN A 263 -26.79 12.33 -15.34
C ASN A 263 -26.42 13.55 -14.48
N LYS A 264 -26.86 14.74 -14.89
CA LYS A 264 -26.43 15.97 -14.21
C LYS A 264 -27.13 16.18 -12.89
N LYS A 265 -28.39 15.76 -12.80
CA LYS A 265 -29.15 15.88 -11.54
C LYS A 265 -28.54 15.01 -10.44
N LYS A 266 -28.19 13.78 -10.79
CA LYS A 266 -27.61 12.86 -9.84
C LYS A 266 -26.18 13.30 -9.50
N ALA A 267 -25.46 13.83 -10.49
CA ALA A 267 -24.12 14.32 -10.21
C ALA A 267 -24.19 15.53 -9.26
N THR A 268 -25.15 16.42 -9.48
CA THR A 268 -25.38 17.57 -8.59
C THR A 268 -25.74 17.15 -7.17
N GLU A 269 -26.60 16.14 -7.04
CA GLU A 269 -26.94 15.59 -5.72
C GLU A 269 -25.71 15.06 -4.99
N ASN A 270 -24.85 14.33 -5.72
CA ASN A 270 -23.66 13.76 -5.11
C ASN A 270 -22.62 14.82 -4.73
N TYR A 271 -22.45 15.85 -5.56
CA TYR A 271 -21.60 16.98 -5.15
C TYR A 271 -22.19 17.67 -3.92
N ASP A 272 -23.52 17.79 -3.86
CA ASP A 272 -24.14 18.46 -2.72
C ASP A 272 -23.95 17.69 -1.43
N LYS A 273 -24.03 16.35 -1.52
CA LYS A 273 -23.66 15.51 -0.39
C LYS A 273 -22.22 15.75 0.07
N ALA A 274 -21.30 15.80 -0.90
CA ALA A 274 -19.90 16.13 -0.60
C ALA A 274 -19.75 17.48 0.10
N ILE A 275 -20.48 18.48 -0.37
CA ILE A 275 -20.39 19.83 0.19
C ILE A 275 -20.96 19.82 1.62
N MET A 276 -22.13 19.18 1.78
CA MET A 276 -22.75 19.00 3.09
C MET A 276 -21.80 18.35 4.09
N PHE A 277 -21.17 17.23 3.71
CA PHE A 277 -20.29 16.55 4.66
C PHE A 277 -19.03 17.36 4.92
N ALA A 278 -18.56 18.08 3.91
CA ALA A 278 -17.44 19.00 4.13
C ALA A 278 -17.77 20.14 5.10
N SER A 279 -19.02 20.61 5.06
CA SER A 279 -19.39 21.87 5.72
C SER A 279 -19.33 21.79 7.24
N VAL A 280 -19.44 20.58 7.78
CA VAL A 280 -19.46 20.38 9.22
C VAL A 280 -18.09 19.97 9.74
N LEU A 281 -17.09 20.09 8.88
CA LEU A 281 -15.71 19.86 9.30
C LEU A 281 -15.16 21.11 9.96
N GLU A 282 -14.15 20.90 10.80
CA GLU A 282 -13.57 21.94 11.63
C GLU A 282 -13.05 23.10 10.80
N ASP A 283 -12.37 22.83 9.70
CA ASP A 283 -11.96 23.91 8.81
C ASP A 283 -12.66 23.79 7.45
N SER A 284 -12.60 24.85 6.66
CA SER A 284 -13.49 24.95 5.51
C SER A 284 -12.75 24.79 4.19
N VAL A 285 -11.49 24.35 4.27
CA VAL A 285 -10.66 24.13 3.08
C VAL A 285 -11.33 23.13 2.14
N LEU A 286 -11.67 21.96 2.67
CA LEU A 286 -12.30 20.92 1.84
C LEU A 286 -13.65 21.36 1.26
N GLU A 287 -14.43 22.11 2.04
CA GLU A 287 -15.71 22.63 1.52
C GLU A 287 -15.51 23.60 0.36
N GLU A 288 -14.57 24.51 0.50
CA GLU A 288 -14.25 25.43 -0.58
C GLU A 288 -13.77 24.65 -1.81
N LYS A 289 -12.83 23.73 -1.60
CA LYS A 289 -12.30 22.90 -2.69
C LYS A 289 -13.44 22.13 -3.37
N THR A 290 -14.32 21.52 -2.58
CA THR A 290 -15.41 20.73 -3.13
C THR A 290 -16.39 21.58 -3.93
N ARG A 291 -16.71 22.75 -3.40
CA ARG A 291 -17.59 23.70 -4.06
C ARG A 291 -16.98 24.16 -5.37
N ALA A 292 -15.67 24.37 -5.39
CA ALA A 292 -14.99 24.78 -6.61
C ALA A 292 -14.99 23.65 -7.65
N GLU A 293 -14.92 22.40 -7.19
CA GLU A 293 -14.85 21.27 -8.12
C GLU A 293 -16.21 21.05 -8.78
N LYS A 294 -17.28 21.20 -7.98
CA LYS A 294 -18.65 21.15 -8.48
C LYS A 294 -18.86 22.19 -9.58
N ALA A 295 -18.31 23.38 -9.36
CA ALA A 295 -18.50 24.47 -10.31
C ALA A 295 -17.69 24.25 -11.57
N ALA A 296 -16.50 23.70 -11.43
CA ALA A 296 -15.65 23.43 -12.59
C ALA A 296 -16.23 22.28 -13.43
N ASP A 297 -17.08 21.46 -12.82
CA ASP A 297 -17.73 20.38 -13.56
C ASP A 297 -19.04 20.84 -14.15
N GLY A 298 -19.31 22.14 -14.02
CA GLY A 298 -20.41 22.77 -14.75
C GLY A 298 -21.76 22.68 -14.10
N LEU A 299 -21.78 22.27 -12.83
CA LEU A 299 -23.04 22.14 -12.09
C LEU A 299 -23.19 23.40 -11.23
N GLY A 300 -24.36 23.64 -10.67
CA GLY A 300 -24.65 24.95 -10.11
C GLY A 300 -23.83 25.35 -8.88
#